data_1Z5Z
#
_entry.id   1Z5Z
#
_cell.length_a   111.801
_cell.length_b   61.129
_cell.length_c   74.973
_cell.angle_alpha   90.00
_cell.angle_beta   99.30
_cell.angle_gamma   90.00
#
_symmetry.space_group_name_H-M   'C 1 2 1'
#
loop_
_entity.id
_entity.type
_entity.pdbx_description
1 polymer 'Helicase of the snf2/rad54 family'
2 water water
#
_entity_poly.entity_id   1
_entity_poly.type   'polypeptide(L)'
_entity_poly.pdbx_seq_one_letter_code
;MGSSHHHHHHSSGLVPRGSHMASDLPDKIETNVYCNLTPEQAAMYKAEVENLFNNIDSVTGIKRKGMILSTLLKLKQIVD
HPALLKGGEQSVRRSGKMIRTMEIIEEALDEGDKIAIFTQFVDMGKIIRNIIEKELNTEVPFLYGELSKKERDDIISKFQ
NNPSVKFIVLSVKAGGFGINLTSANRVIHFDRWWNPAVEDQATDRVYRIGQTRNVIVHKLISVGTLEEKIDQLLAFKRSL
FKDIISSGDSWITELSTEELRKVIELSVGGY
;
_entity_poly.pdbx_strand_id   A,B
#
# COMPACT_ATOMS: atom_id res chain seq x y z
N LYS A 28 13.09 -1.27 -3.52
CA LYS A 28 12.78 -0.85 -4.92
C LYS A 28 12.40 0.63 -4.97
N ILE A 29 12.74 1.30 -6.07
CA ILE A 29 12.43 2.71 -6.28
C ILE A 29 11.65 2.91 -7.59
N GLU A 30 10.39 3.29 -7.48
CA GLU A 30 9.55 3.51 -8.66
C GLU A 30 9.33 5.00 -8.88
N THR A 31 9.34 5.44 -10.13
CA THR A 31 9.18 6.86 -10.39
C THR A 31 8.74 7.19 -11.83
N ASN A 32 8.03 8.30 -11.96
CA ASN A 32 7.55 8.77 -13.25
C ASN A 32 8.64 9.45 -14.06
N VAL A 33 8.67 9.19 -15.36
CA VAL A 33 9.63 9.83 -16.25
C VAL A 33 8.74 10.59 -17.25
N TYR A 34 8.75 11.91 -17.17
CA TYR A 34 7.92 12.75 -18.05
C TYR A 34 8.60 12.99 -19.38
N CYS A 35 7.85 12.68 -20.42
CA CYS A 35 8.36 12.78 -21.76
C CYS A 35 7.45 13.65 -22.58
N ASN A 36 8.03 14.66 -23.20
CA ASN A 36 7.30 15.59 -24.05
C ASN A 36 7.06 14.90 -25.39
N LEU A 37 5.89 15.17 -25.97
CA LEU A 37 5.55 14.65 -27.27
C LEU A 37 6.36 15.47 -28.28
N THR A 38 6.63 14.87 -29.43
CA THR A 38 7.32 15.54 -30.51
C THR A 38 6.23 16.37 -31.21
N PRO A 39 6.61 17.40 -31.97
CA PRO A 39 5.61 18.20 -32.68
C PRO A 39 4.65 17.33 -33.51
N GLU A 40 5.20 16.33 -34.22
CA GLU A 40 4.37 15.45 -35.01
C GLU A 40 3.33 14.79 -34.07
N GLN A 41 3.80 14.21 -32.96
CA GLN A 41 2.89 13.56 -32.01
C GLN A 41 1.82 14.48 -31.45
N ALA A 42 2.21 15.72 -31.12
CA ALA A 42 1.26 16.67 -30.55
C ALA A 42 0.20 17.02 -31.58
N ALA A 43 0.61 17.15 -32.83
CA ALA A 43 -0.37 17.46 -33.87
C ALA A 43 -1.36 16.31 -34.06
N MET A 44 -0.88 15.06 -34.05
CA MET A 44 -1.79 13.92 -34.24
C MET A 44 -2.73 13.81 -33.04
N TYR A 45 -2.15 13.98 -31.85
CA TYR A 45 -2.93 13.88 -30.62
C TYR A 45 -4.07 14.90 -30.66
N LYS A 46 -3.74 16.13 -31.03
CA LYS A 46 -4.75 17.18 -31.08
C LYS A 46 -5.86 16.92 -32.10
N ALA A 47 -5.49 16.47 -33.28
CA ALA A 47 -6.49 16.20 -34.31
C ALA A 47 -7.50 15.20 -33.83
N GLU A 48 -7.03 14.08 -33.29
CA GLU A 48 -7.91 13.02 -32.81
C GLU A 48 -8.81 13.50 -31.67
N VAL A 49 -8.29 14.39 -30.83
CA VAL A 49 -9.13 14.89 -29.73
C VAL A 49 -10.22 15.78 -30.32
N GLU A 50 -9.87 16.52 -31.37
CA GLU A 50 -10.84 17.40 -32.03
C GLU A 50 -11.86 16.56 -32.78
N ASN A 51 -11.40 15.50 -33.44
CA ASN A 51 -12.33 14.62 -34.12
C ASN A 51 -13.32 14.03 -33.09
N LEU A 52 -12.85 13.54 -31.95
CA LEU A 52 -13.81 12.99 -30.99
C LEU A 52 -14.86 14.02 -30.58
N PHE A 53 -14.45 15.23 -30.18
CA PHE A 53 -15.44 16.22 -29.78
C PHE A 53 -16.30 16.78 -30.88
N ASN A 54 -15.88 16.61 -32.14
CA ASN A 54 -16.68 17.08 -33.27
C ASN A 54 -17.91 16.17 -33.48
N ASN A 55 -17.79 14.88 -33.13
CA ASN A 55 -18.87 13.91 -33.36
C ASN A 55 -19.52 13.25 -32.16
N ILE A 56 -18.93 13.42 -30.99
CA ILE A 56 -19.44 12.82 -29.76
C ILE A 56 -20.86 13.25 -29.35
N ASP A 57 -21.29 14.44 -29.73
CA ASP A 57 -22.63 14.87 -29.34
C ASP A 57 -23.73 14.11 -30.09
N SER A 58 -23.44 13.72 -31.33
CA SER A 58 -24.42 13.01 -32.12
C SER A 58 -24.84 11.70 -31.43
N VAL A 59 -23.89 10.86 -31.07
CA VAL A 59 -24.27 9.58 -30.43
C VAL A 59 -24.48 9.60 -28.94
N THR A 60 -25.06 8.52 -28.45
CA THR A 60 -25.32 8.35 -27.03
C THR A 60 -25.21 6.88 -26.72
N GLY A 61 -25.31 6.56 -25.44
CA GLY A 61 -25.25 5.18 -25.01
C GLY A 61 -24.12 4.33 -25.57
N ILE A 62 -24.51 3.20 -26.15
CA ILE A 62 -23.56 2.25 -26.71
C ILE A 62 -22.65 2.86 -27.76
N LYS A 63 -23.21 3.59 -28.71
CA LYS A 63 -22.35 4.18 -29.74
C LYS A 63 -21.38 5.23 -29.18
N ARG A 64 -21.76 5.87 -28.08
CA ARG A 64 -20.91 6.89 -27.44
C ARG A 64 -19.77 6.18 -26.76
N LYS A 65 -20.08 5.07 -26.08
CA LYS A 65 -19.04 4.31 -25.40
C LYS A 65 -17.96 3.87 -26.40
N GLY A 66 -18.43 3.27 -27.50
CA GLY A 66 -17.51 2.82 -28.53
C GLY A 66 -16.73 3.93 -29.23
N MET A 67 -17.30 5.12 -29.29
CA MET A 67 -16.60 6.21 -29.94
C MET A 67 -15.47 6.67 -29.05
N ILE A 68 -15.74 6.77 -27.76
CA ILE A 68 -14.73 7.16 -26.81
C ILE A 68 -13.64 6.09 -26.84
N LEU A 69 -14.02 4.81 -26.79
CA LEU A 69 -13.05 3.72 -26.81
C LEU A 69 -12.07 3.80 -27.96
N SER A 70 -12.57 4.04 -29.16
CA SER A 70 -11.70 4.17 -30.32
C SER A 70 -10.76 5.36 -30.17
N THR A 71 -11.26 6.49 -29.68
CA THR A 71 -10.36 7.62 -29.54
C THR A 71 -9.28 7.28 -28.51
N LEU A 72 -9.65 6.74 -27.36
CA LEU A 72 -8.68 6.38 -26.33
C LEU A 72 -7.56 5.51 -26.90
N LEU A 73 -7.94 4.55 -27.73
CA LEU A 73 -6.99 3.65 -28.33
C LEU A 73 -6.01 4.42 -29.21
N LYS A 74 -6.52 5.26 -30.11
CA LYS A 74 -5.62 6.00 -30.96
C LYS A 74 -4.66 6.93 -30.19
N LEU A 75 -5.17 7.62 -29.17
CA LEU A 75 -4.35 8.50 -28.37
C LEU A 75 -3.23 7.70 -27.64
N LYS A 76 -3.56 6.52 -27.13
CA LYS A 76 -2.55 5.73 -26.44
C LYS A 76 -1.50 5.33 -27.41
N GLN A 77 -1.90 5.06 -28.66
CA GLN A 77 -0.90 4.67 -29.64
C GLN A 77 -0.04 5.84 -30.08
N ILE A 78 -0.66 7.02 -30.25
CA ILE A 78 0.05 8.21 -30.68
C ILE A 78 1.12 8.61 -29.67
N VAL A 79 0.80 8.54 -28.38
CA VAL A 79 1.82 8.92 -27.40
C VAL A 79 2.97 7.94 -27.25
N ASP A 80 2.83 6.76 -27.87
CA ASP A 80 3.87 5.75 -27.85
C ASP A 80 4.76 5.96 -29.07
N HIS A 81 4.16 5.98 -30.26
CA HIS A 81 4.93 6.16 -31.49
C HIS A 81 4.03 6.39 -32.69
N PRO A 82 4.22 7.51 -33.40
CA PRO A 82 3.39 7.79 -34.56
C PRO A 82 3.32 6.66 -35.60
N ALA A 83 4.33 5.83 -35.69
CA ALA A 83 4.31 4.74 -36.71
C ALA A 83 3.23 3.66 -36.48
N LEU A 84 2.72 3.56 -35.25
CA LEU A 84 1.67 2.54 -34.99
C LEU A 84 0.39 2.87 -35.79
N LEU A 85 0.21 4.15 -36.15
CA LEU A 85 -0.94 4.64 -36.89
C LEU A 85 -0.62 5.17 -38.29
N LYS A 86 0.58 5.67 -38.50
CA LYS A 86 0.93 6.23 -39.81
C LYS A 86 2.02 5.46 -40.51
N GLY A 87 2.50 4.40 -39.86
CA GLY A 87 3.60 3.65 -40.45
C GLY A 87 4.76 4.60 -40.63
N GLY A 88 5.64 4.28 -41.56
CA GLY A 88 6.77 5.14 -41.80
C GLY A 88 8.00 4.69 -41.04
N GLU A 89 8.95 5.59 -40.93
CA GLU A 89 10.19 5.32 -40.24
C GLU A 89 9.91 4.99 -38.75
N GLN A 90 10.51 3.90 -38.24
CA GLN A 90 10.37 3.44 -36.84
C GLN A 90 11.61 3.92 -36.10
N SER A 91 11.72 5.23 -36.02
CA SER A 91 12.90 5.83 -35.43
C SER A 91 12.69 6.32 -34.03
N VAL A 92 13.79 6.59 -33.33
CA VAL A 92 13.75 7.10 -31.97
C VAL A 92 13.15 8.48 -32.03
N ARG A 93 13.69 9.23 -32.98
CA ARG A 93 13.34 10.64 -33.25
C ARG A 93 11.85 11.00 -33.29
N ARG A 94 11.03 10.10 -33.76
CA ARG A 94 9.60 10.39 -33.86
C ARG A 94 8.83 10.21 -32.54
N SER A 95 9.49 9.70 -31.51
CA SER A 95 8.81 9.47 -30.24
C SER A 95 9.47 10.07 -28.97
N GLY A 96 8.78 11.00 -28.31
CA GLY A 96 9.30 11.54 -27.06
C GLY A 96 9.72 10.43 -26.10
N LYS A 97 8.89 9.37 -25.99
CA LYS A 97 9.17 8.21 -25.12
C LYS A 97 10.38 7.39 -25.55
N MET A 98 10.48 7.12 -26.85
CA MET A 98 11.62 6.38 -27.38
C MET A 98 12.89 7.18 -27.11
N ILE A 99 12.81 8.51 -27.27
CA ILE A 99 13.97 9.35 -27.03
C ILE A 99 14.43 9.21 -25.57
N ARG A 100 13.51 9.24 -24.63
CA ARG A 100 13.91 9.10 -23.25
C ARG A 100 14.35 7.67 -22.96
N THR A 101 13.75 6.70 -23.64
CA THR A 101 14.12 5.31 -23.40
C THR A 101 15.60 5.03 -23.74
N MET A 102 16.09 5.52 -24.87
CA MET A 102 17.49 5.32 -25.21
C MET A 102 18.37 6.03 -24.16
N GLU A 103 17.91 7.15 -23.60
CA GLU A 103 18.71 7.84 -22.58
C GLU A 103 18.79 6.98 -21.34
N ILE A 104 17.67 6.35 -20.98
CA ILE A 104 17.66 5.51 -19.78
C ILE A 104 18.53 4.29 -20.02
N ILE A 105 18.38 3.71 -21.20
CA ILE A 105 19.16 2.55 -21.56
C ILE A 105 20.69 2.82 -21.45
N GLU A 106 21.11 3.98 -21.97
CA GLU A 106 22.53 4.33 -21.96
C GLU A 106 23.04 4.34 -20.52
N GLU A 107 22.36 5.07 -19.67
CA GLU A 107 22.72 5.10 -18.28
C GLU A 107 22.67 3.69 -17.64
N ALA A 108 21.66 2.88 -17.97
CA ALA A 108 21.59 1.58 -17.34
C ALA A 108 22.65 0.57 -17.78
N LEU A 109 22.94 0.49 -19.07
CA LEU A 109 23.94 -0.46 -19.53
C LEU A 109 25.26 -0.14 -18.83
N ASP A 110 25.58 1.14 -18.73
CA ASP A 110 26.82 1.50 -18.06
C ASP A 110 26.90 0.99 -16.63
N GLU A 111 25.75 0.84 -15.97
CA GLU A 111 25.71 0.33 -14.60
C GLU A 111 25.66 -1.21 -14.69
N GLY A 112 25.68 -1.74 -15.91
CA GLY A 112 25.61 -3.18 -16.07
C GLY A 112 24.22 -3.76 -15.81
N ASP A 113 23.18 -2.93 -15.94
CA ASP A 113 21.78 -3.40 -15.71
C ASP A 113 21.25 -4.32 -16.81
N LYS A 114 20.36 -5.23 -16.41
CA LYS A 114 19.61 -6.11 -17.28
C LYS A 114 18.29 -5.33 -17.31
N ILE A 115 17.79 -5.02 -18.50
CA ILE A 115 16.61 -4.17 -18.65
C ILE A 115 15.36 -4.84 -19.22
N ALA A 116 14.23 -4.68 -18.57
CA ALA A 116 12.96 -5.25 -19.09
C ALA A 116 12.05 -4.09 -19.45
N ILE A 117 11.46 -4.12 -20.65
CA ILE A 117 10.59 -3.03 -21.10
C ILE A 117 9.19 -3.61 -21.43
N PHE A 118 8.15 -3.08 -20.80
CA PHE A 118 6.79 -3.57 -20.97
C PHE A 118 5.95 -2.59 -21.77
N THR A 119 5.05 -3.10 -22.61
CA THR A 119 4.12 -2.23 -23.33
C THR A 119 2.82 -3.04 -23.51
N GLN A 120 1.70 -2.35 -23.68
CA GLN A 120 0.40 -3.04 -23.83
C GLN A 120 0.15 -3.37 -25.29
N PHE A 121 1.01 -2.89 -26.20
CA PHE A 121 0.81 -3.14 -27.64
C PHE A 121 1.89 -4.04 -28.28
N VAL A 122 1.47 -5.13 -28.91
CA VAL A 122 2.42 -6.01 -29.54
C VAL A 122 3.23 -5.21 -30.56
N ASP A 123 2.60 -4.27 -31.28
CA ASP A 123 3.31 -3.53 -32.29
C ASP A 123 4.37 -2.59 -31.74
N MET A 124 4.07 -1.99 -30.59
CA MET A 124 5.06 -1.11 -29.96
C MET A 124 6.23 -2.00 -29.51
N GLY A 125 5.91 -3.19 -29.00
CA GLY A 125 6.95 -4.11 -28.56
C GLY A 125 7.92 -4.40 -29.68
N LYS A 126 7.42 -4.64 -30.91
CA LYS A 126 8.31 -4.92 -32.04
C LYS A 126 9.16 -3.71 -32.42
N ILE A 127 8.56 -2.52 -32.40
CA ILE A 127 9.30 -1.31 -32.72
C ILE A 127 10.47 -1.14 -31.71
N ILE A 128 10.16 -1.27 -30.43
CA ILE A 128 11.17 -1.13 -29.40
C ILE A 128 12.30 -2.13 -29.61
N ARG A 129 11.90 -3.37 -29.84
CA ARG A 129 12.83 -4.48 -30.05
C ARG A 129 13.72 -4.17 -31.29
N ASN A 130 13.12 -3.71 -32.39
CA ASN A 130 13.86 -3.39 -33.63
C ASN A 130 14.86 -2.26 -33.38
N ILE A 131 14.40 -1.18 -32.79
CA ILE A 131 15.27 -0.07 -32.52
C ILE A 131 16.48 -0.48 -31.67
N ILE A 132 16.23 -1.18 -30.57
CA ILE A 132 17.31 -1.58 -29.71
C ILE A 132 18.29 -2.52 -30.43
N GLU A 133 17.79 -3.55 -31.11
CA GLU A 133 18.69 -4.46 -31.80
C GLU A 133 19.56 -3.74 -32.81
N LYS A 134 18.95 -2.85 -33.57
CA LYS A 134 19.66 -2.09 -34.58
C LYS A 134 20.69 -1.15 -33.98
N GLU A 135 20.28 -0.26 -33.09
CA GLU A 135 21.20 0.71 -32.50
C GLU A 135 22.28 0.13 -31.60
N LEU A 136 21.98 -0.97 -30.91
CA LEU A 136 22.98 -1.52 -30.00
C LEU A 136 23.60 -2.84 -30.41
N ASN A 137 23.11 -3.41 -31.50
CA ASN A 137 23.63 -4.65 -32.02
C ASN A 137 23.72 -5.75 -30.99
N THR A 138 22.62 -5.97 -30.31
CA THR A 138 22.61 -6.99 -29.32
C THR A 138 21.30 -7.71 -29.49
N GLU A 139 21.18 -8.91 -28.96
CA GLU A 139 19.94 -9.67 -29.08
C GLU A 139 18.87 -9.18 -28.09
N VAL A 140 17.65 -8.93 -28.57
CA VAL A 140 16.57 -8.46 -27.73
C VAL A 140 15.38 -9.42 -27.80
N PRO A 141 15.33 -10.40 -26.88
CA PRO A 141 14.22 -11.35 -26.87
C PRO A 141 12.91 -10.61 -26.65
N PHE A 142 11.88 -11.06 -27.36
CA PHE A 142 10.56 -10.42 -27.34
C PHE A 142 9.43 -11.35 -26.85
N LEU A 143 8.86 -11.11 -25.67
CA LEU A 143 7.73 -11.93 -25.20
C LEU A 143 6.35 -11.34 -25.54
N TYR A 144 5.48 -12.14 -26.16
CA TYR A 144 4.11 -11.71 -26.48
C TYR A 144 3.20 -12.94 -26.33
N GLY A 145 1.92 -12.69 -26.18
CA GLY A 145 0.92 -13.73 -25.98
C GLY A 145 0.87 -14.91 -26.94
N GLU A 146 1.02 -14.66 -28.24
CA GLU A 146 0.95 -15.72 -29.25
C GLU A 146 2.13 -16.67 -29.28
N LEU A 147 3.17 -16.43 -28.48
CA LEU A 147 4.32 -17.33 -28.51
C LEU A 147 3.89 -18.69 -27.97
N SER A 148 4.50 -19.77 -28.47
CA SER A 148 4.15 -21.09 -27.92
C SER A 148 4.76 -21.10 -26.51
N LYS A 149 4.38 -22.07 -25.70
CA LYS A 149 4.92 -22.17 -24.32
C LYS A 149 6.43 -22.31 -24.33
N LYS A 150 6.94 -23.13 -25.23
CA LYS A 150 8.38 -23.37 -25.27
C LYS A 150 9.14 -22.15 -25.71
N GLU A 151 8.63 -21.48 -26.73
CA GLU A 151 9.32 -20.29 -27.18
C GLU A 151 9.37 -19.34 -25.98
N ARG A 152 8.27 -19.29 -25.24
CA ARG A 152 8.18 -18.40 -24.10
C ARG A 152 9.12 -18.78 -22.96
N ASP A 153 8.98 -20.01 -22.49
CA ASP A 153 9.80 -20.49 -21.39
C ASP A 153 11.27 -20.37 -21.73
N ASP A 154 11.61 -20.67 -22.98
CA ASP A 154 13.00 -20.60 -23.44
C ASP A 154 13.49 -19.19 -23.39
N ILE A 155 12.65 -18.23 -23.79
CA ILE A 155 13.07 -16.84 -23.77
C ILE A 155 13.23 -16.36 -22.32
N ILE A 156 12.32 -16.78 -21.45
CA ILE A 156 12.37 -16.35 -20.05
C ILE A 156 13.61 -16.90 -19.36
N SER A 157 13.93 -18.15 -19.68
CA SER A 157 15.08 -18.81 -19.12
C SER A 157 16.33 -18.08 -19.62
N LYS A 158 16.32 -17.75 -20.90
CA LYS A 158 17.46 -17.06 -21.46
C LYS A 158 17.71 -15.71 -20.79
N PHE A 159 16.65 -14.95 -20.49
CA PHE A 159 16.86 -13.65 -19.86
C PHE A 159 17.24 -13.82 -18.41
N GLN A 160 16.60 -14.76 -17.72
CA GLN A 160 16.84 -14.97 -16.31
C GLN A 160 18.20 -15.56 -15.97
N ASN A 161 18.75 -16.38 -16.85
CA ASN A 161 20.02 -17.04 -16.53
C ASN A 161 21.28 -16.62 -17.23
N ASN A 162 21.18 -15.84 -18.29
CA ASN A 162 22.38 -15.43 -18.98
C ASN A 162 22.61 -13.91 -18.77
N PRO A 163 23.57 -13.52 -17.90
CA PRO A 163 23.88 -12.09 -17.64
C PRO A 163 24.22 -11.28 -18.88
N SER A 164 24.66 -11.99 -19.92
CA SER A 164 25.00 -11.32 -21.16
C SER A 164 23.76 -10.67 -21.74
N VAL A 165 22.66 -11.43 -21.84
CA VAL A 165 21.37 -10.94 -22.38
C VAL A 165 20.97 -9.77 -21.52
N LYS A 166 21.09 -8.60 -22.11
CA LYS A 166 20.82 -7.38 -21.40
C LYS A 166 19.39 -6.84 -21.45
N PHE A 167 18.60 -7.32 -22.41
CA PHE A 167 17.25 -6.84 -22.64
C PHE A 167 16.19 -7.91 -22.83
N ILE A 168 14.96 -7.50 -22.59
CA ILE A 168 13.79 -8.33 -22.88
C ILE A 168 12.62 -7.37 -23.08
N VAL A 169 11.82 -7.56 -24.11
CA VAL A 169 10.68 -6.69 -24.35
C VAL A 169 9.46 -7.57 -24.18
N LEU A 170 8.45 -7.03 -23.50
CA LEU A 170 7.22 -7.78 -23.24
C LEU A 170 6.00 -6.97 -23.62
N SER A 171 5.10 -7.57 -24.38
CA SER A 171 3.91 -6.85 -24.71
C SER A 171 2.85 -7.66 -24.01
N VAL A 172 2.13 -7.01 -23.09
CA VAL A 172 1.05 -7.66 -22.34
C VAL A 172 -0.24 -7.00 -22.81
N LYS A 173 -1.02 -7.72 -23.59
CA LYS A 173 -2.29 -7.19 -24.11
C LYS A 173 -3.30 -7.08 -22.98
N ALA A 174 -4.44 -6.44 -23.25
CA ALA A 174 -5.47 -6.30 -22.23
C ALA A 174 -6.01 -7.73 -22.05
N GLY A 175 -6.16 -8.16 -20.80
CA GLY A 175 -6.63 -9.51 -20.59
C GLY A 175 -5.46 -10.49 -20.49
N GLY A 176 -4.25 -9.96 -20.64
CA GLY A 176 -3.05 -10.76 -20.53
C GLY A 176 -2.52 -10.52 -19.15
N PHE A 177 -1.46 -11.21 -18.77
CA PHE A 177 -0.91 -11.02 -17.43
C PHE A 177 0.56 -10.66 -17.48
N GLY A 178 1.04 -10.03 -16.43
CA GLY A 178 2.44 -9.68 -16.36
C GLY A 178 3.25 -10.90 -15.98
N ILE A 179 4.53 -10.65 -15.67
CA ILE A 179 5.48 -11.69 -15.27
C ILE A 179 6.48 -11.00 -14.33
N ASN A 180 7.10 -11.75 -13.45
CA ASN A 180 8.06 -11.18 -12.52
C ASN A 180 9.45 -11.70 -12.86
N LEU A 181 10.18 -10.95 -13.67
CA LEU A 181 11.51 -11.35 -14.10
C LEU A 181 12.52 -10.86 -13.08
N THR A 182 12.85 -11.69 -12.10
CA THR A 182 13.77 -11.31 -11.02
C THR A 182 15.18 -10.92 -11.45
N SER A 183 15.61 -11.36 -12.62
CA SER A 183 16.95 -10.97 -13.02
C SER A 183 17.04 -9.56 -13.55
N ALA A 184 15.90 -8.90 -13.82
CA ALA A 184 15.96 -7.53 -14.31
C ALA A 184 16.31 -6.55 -13.16
N ASN A 185 17.24 -5.65 -13.45
CA ASN A 185 17.75 -4.65 -12.52
C ASN A 185 17.04 -3.35 -12.80
N ARG A 186 16.52 -3.23 -14.02
CA ARG A 186 15.87 -2.01 -14.45
C ARG A 186 14.58 -2.38 -15.21
N VAL A 187 13.50 -1.69 -14.92
CA VAL A 187 12.24 -1.98 -15.57
C VAL A 187 11.71 -0.66 -16.10
N ILE A 188 11.35 -0.65 -17.38
CA ILE A 188 10.74 0.52 -18.00
C ILE A 188 9.29 0.18 -18.39
N HIS A 189 8.32 0.86 -17.80
CA HIS A 189 6.92 0.64 -18.17
C HIS A 189 6.64 1.69 -19.25
N PHE A 190 6.73 1.26 -20.50
CA PHE A 190 6.58 2.17 -21.65
C PHE A 190 5.24 2.86 -21.73
N ASP A 191 4.18 2.16 -21.32
CA ASP A 191 2.84 2.75 -21.30
C ASP A 191 2.08 2.01 -20.20
N ARG A 192 0.90 2.52 -19.86
CA ARG A 192 0.12 1.97 -18.77
C ARG A 192 -0.57 0.66 -19.10
N TRP A 193 0.18 -0.43 -19.09
CA TRP A 193 -0.35 -1.77 -19.45
C TRP A 193 -0.96 -2.53 -18.27
N TRP A 194 -0.55 -2.12 -17.09
CA TRP A 194 -0.93 -2.81 -15.86
C TRP A 194 -2.30 -2.57 -15.29
N ASN A 195 -2.67 -3.51 -14.43
CA ASN A 195 -3.94 -3.47 -13.76
C ASN A 195 -3.93 -2.42 -12.66
N PRO A 196 -4.80 -1.40 -12.76
CA PRO A 196 -4.94 -0.29 -11.79
C PRO A 196 -5.09 -0.77 -10.34
N ALA A 197 -5.99 -1.72 -10.16
CA ALA A 197 -6.28 -2.29 -8.83
C ALA A 197 -5.05 -2.76 -8.09
N VAL A 198 -4.18 -3.50 -8.78
CA VAL A 198 -2.96 -3.97 -8.14
C VAL A 198 -1.93 -2.85 -8.12
N GLU A 199 -1.35 -2.57 -9.29
CA GLU A 199 -0.32 -1.53 -9.48
C GLU A 199 1.05 -1.96 -8.96
N ASN A 214 18.61 -2.67 -5.62
CA ASN A 214 17.16 -2.77 -5.82
C ASN A 214 16.82 -2.61 -7.32
N VAL A 215 15.65 -3.07 -7.71
CA VAL A 215 15.21 -2.91 -9.09
C VAL A 215 14.87 -1.44 -9.27
N ILE A 216 15.40 -0.80 -10.32
CA ILE A 216 15.03 0.60 -10.56
C ILE A 216 13.87 0.61 -11.56
N VAL A 217 12.71 1.15 -11.15
CA VAL A 217 11.50 1.21 -11.98
C VAL A 217 11.23 2.58 -12.60
N HIS A 218 10.91 2.60 -13.89
CA HIS A 218 10.58 3.86 -14.59
C HIS A 218 9.21 3.81 -15.28
N LYS A 219 8.38 4.81 -15.05
CA LYS A 219 7.07 4.82 -15.71
C LYS A 219 7.07 5.99 -16.66
N LEU A 220 7.02 5.71 -17.96
CA LEU A 220 7.02 6.77 -18.92
C LEU A 220 5.64 7.44 -18.96
N ILE A 221 5.60 8.76 -18.93
CA ILE A 221 4.32 9.49 -18.97
C ILE A 221 4.37 10.65 -19.94
N SER A 222 3.46 10.68 -20.91
CA SER A 222 3.43 11.77 -21.87
C SER A 222 2.90 13.09 -21.29
N VAL A 223 3.78 14.09 -21.25
CA VAL A 223 3.45 15.40 -20.69
C VAL A 223 2.25 16.04 -21.31
N GLY A 224 1.31 16.42 -20.45
CA GLY A 224 0.09 17.09 -20.89
C GLY A 224 -0.96 16.24 -21.60
N THR A 225 -0.87 14.91 -21.46
CA THR A 225 -1.85 14.06 -22.15
C THR A 225 -2.65 13.29 -21.16
N LEU A 226 -3.53 12.43 -21.67
CA LEU A 226 -4.37 11.63 -20.80
C LEU A 226 -3.48 10.76 -19.92
N GLU A 227 -2.24 10.46 -20.36
CA GLU A 227 -1.42 9.61 -19.49
C GLU A 227 -1.09 10.38 -18.19
N GLU A 228 -0.81 11.67 -18.33
CA GLU A 228 -0.51 12.47 -17.16
C GLU A 228 -1.75 12.63 -16.27
N LYS A 229 -2.90 12.94 -16.89
CA LYS A 229 -4.17 13.13 -16.16
C LYS A 229 -4.60 11.92 -15.38
N ILE A 230 -4.58 10.76 -16.03
CA ILE A 230 -4.97 9.56 -15.33
C ILE A 230 -4.02 9.28 -14.18
N ASP A 231 -2.72 9.43 -14.42
CA ASP A 231 -1.77 9.17 -13.34
C ASP A 231 -2.06 10.10 -12.16
N GLN A 232 -2.19 11.39 -12.44
CA GLN A 232 -2.48 12.36 -11.40
C GLN A 232 -3.75 12.00 -10.63
N LEU A 233 -4.81 11.64 -11.34
CA LEU A 233 -6.08 11.31 -10.67
C LEU A 233 -6.01 10.14 -9.67
N LEU A 234 -5.29 9.07 -10.04
CA LEU A 234 -5.16 7.91 -9.16
C LEU A 234 -4.35 8.28 -7.93
N ALA A 235 -3.21 8.91 -8.16
CA ALA A 235 -2.32 9.29 -7.06
C ALA A 235 -2.87 10.36 -6.13
N PHE A 236 -3.96 11.01 -6.52
CA PHE A 236 -4.53 12.05 -5.67
C PHE A 236 -5.34 11.43 -4.53
N LYS A 237 -6.45 10.77 -4.88
CA LYS A 237 -7.32 10.14 -3.88
C LYS A 237 -7.75 8.78 -4.38
N ARG A 238 -6.88 7.79 -4.23
CA ARG A 238 -7.16 6.44 -4.71
C ARG A 238 -8.43 5.91 -4.04
N SER A 239 -8.75 6.48 -2.89
CA SER A 239 -9.94 6.09 -2.14
C SER A 239 -11.23 6.25 -2.97
N LEU A 240 -11.36 7.37 -3.67
CA LEU A 240 -12.54 7.64 -4.50
C LEU A 240 -12.74 6.61 -5.60
N PHE A 241 -11.63 6.15 -6.17
CA PHE A 241 -11.63 5.20 -7.30
C PHE A 241 -11.62 3.72 -6.88
N LYS A 242 -11.23 3.48 -5.62
CA LYS A 242 -11.12 2.14 -5.04
C LYS A 242 -12.22 1.15 -5.42
N ASP A 243 -13.35 1.65 -5.90
CA ASP A 243 -14.44 0.77 -6.31
C ASP A 243 -14.37 0.51 -7.79
N ILE A 244 -14.39 1.62 -8.51
CA ILE A 244 -14.34 1.64 -9.95
C ILE A 244 -13.00 1.19 -10.58
N ILE A 245 -11.91 1.32 -9.83
CA ILE A 245 -10.55 0.98 -10.29
C ILE A 245 -10.32 -0.35 -11.00
N SER A 246 -11.06 -1.38 -10.64
CA SER A 246 -10.89 -2.68 -11.27
C SER A 246 -11.29 -2.80 -12.73
N SER A 247 -12.48 -2.33 -13.00
CA SER A 247 -13.06 -2.38 -14.33
C SER A 247 -12.44 -1.53 -15.44
N GLY A 248 -11.16 -1.23 -15.32
CA GLY A 248 -10.45 -0.49 -16.36
C GLY A 248 -10.95 0.87 -16.80
N ASP A 249 -10.78 1.18 -18.09
CA ASP A 249 -11.17 2.45 -18.69
C ASP A 249 -12.66 2.70 -18.63
N SER A 250 -13.40 1.68 -18.21
CA SER A 250 -14.84 1.78 -18.11
C SER A 250 -15.32 3.15 -17.57
N TRP A 251 -14.79 3.52 -16.41
CA TRP A 251 -15.18 4.80 -15.80
C TRP A 251 -14.98 5.97 -16.76
N ILE A 252 -13.96 5.89 -17.62
CA ILE A 252 -13.71 6.97 -18.58
C ILE A 252 -14.79 7.08 -19.66
N THR A 253 -15.30 5.95 -20.13
CA THR A 253 -16.33 5.97 -21.17
C THR A 253 -17.67 6.46 -20.66
N GLU A 254 -17.79 6.63 -19.35
CA GLU A 254 -19.03 7.12 -18.76
C GLU A 254 -18.96 8.54 -18.20
N LEU A 255 -17.85 9.24 -18.42
CA LEU A 255 -17.71 10.61 -17.94
C LEU A 255 -18.58 11.55 -18.79
N SER A 256 -18.94 12.70 -18.24
CA SER A 256 -19.70 13.67 -19.02
C SER A 256 -18.71 14.15 -20.09
N THR A 257 -19.22 14.78 -21.13
CA THR A 257 -18.35 15.31 -22.18
C THR A 257 -17.32 16.33 -21.65
N GLU A 258 -17.72 17.07 -20.62
CA GLU A 258 -16.84 18.09 -20.04
C GLU A 258 -15.75 17.40 -19.22
N GLU A 259 -16.14 16.44 -18.39
CA GLU A 259 -15.17 15.69 -17.61
C GLU A 259 -14.20 14.97 -18.53
N LEU A 260 -14.72 14.41 -19.62
CA LEU A 260 -13.88 13.69 -20.57
C LEU A 260 -12.81 14.63 -21.18
N ARG A 261 -13.22 15.84 -21.55
CA ARG A 261 -12.29 16.79 -22.15
C ARG A 261 -11.14 17.14 -21.20
N LYS A 262 -11.42 17.14 -19.91
CA LYS A 262 -10.42 17.45 -18.88
C LYS A 262 -9.35 16.33 -18.90
N VAL A 263 -9.84 15.11 -19.05
CA VAL A 263 -8.95 13.96 -19.06
C VAL A 263 -8.10 13.83 -20.31
N ILE A 264 -8.68 14.00 -21.49
CA ILE A 264 -7.90 13.78 -22.72
C ILE A 264 -7.35 14.94 -23.57
N GLU A 265 -7.90 16.13 -23.43
CA GLU A 265 -7.42 17.23 -24.23
C GLU A 265 -5.96 17.54 -23.92
N LEU A 266 -5.19 17.91 -24.92
CA LEU A 266 -3.78 18.22 -24.73
C LEU A 266 -3.63 19.54 -23.97
N SER A 267 -2.95 19.52 -22.82
CA SER A 267 -2.77 20.74 -22.05
C SER A 267 -1.32 21.27 -22.07
N VAL A 268 -0.74 21.29 -23.26
CA VAL A 268 0.62 21.73 -23.50
C VAL A 268 0.63 23.20 -23.90
N GLY A 269 1.60 23.94 -23.40
CA GLY A 269 1.69 25.35 -23.74
C GLY A 269 1.78 25.46 -25.26
N GLY A 270 1.11 26.46 -25.82
CA GLY A 270 1.14 26.63 -27.26
C GLY A 270 -0.11 26.05 -27.87
N TYR A 271 -0.75 25.10 -27.19
CA TYR A 271 -1.97 24.49 -27.73
C TYR A 271 -3.26 24.82 -26.95
N ASP B 27 5.94 -2.49 45.88
CA ASP B 27 5.14 -1.47 45.13
C ASP B 27 5.09 -1.80 43.63
N LYS B 28 4.15 -1.16 42.96
CA LYS B 28 3.92 -1.31 41.54
C LYS B 28 3.46 0.07 41.12
N ILE B 29 4.33 0.81 40.44
CA ILE B 29 4.01 2.15 40.00
C ILE B 29 3.43 2.07 38.59
N GLU B 30 2.15 2.40 38.45
CA GLU B 30 1.48 2.35 37.17
C GLU B 30 1.16 3.75 36.61
N THR B 31 1.48 3.98 35.34
CA THR B 31 1.18 5.27 34.68
C THR B 31 0.70 5.11 33.26
N ASN B 32 -0.10 6.08 32.81
CA ASN B 32 -0.62 6.06 31.45
C ASN B 32 0.43 6.83 30.67
N VAL B 33 0.79 6.33 29.50
CA VAL B 33 1.74 7.04 28.65
C VAL B 33 0.92 7.38 27.40
N TYR B 34 0.67 8.68 27.23
CA TYR B 34 -0.14 9.21 26.16
C TYR B 34 0.66 9.36 24.88
N CYS B 35 0.18 8.75 23.80
CA CYS B 35 0.94 8.78 22.54
C CYS B 35 0.12 9.38 21.42
N ASN B 36 0.73 10.25 20.63
CA ASN B 36 0.05 10.86 19.48
C ASN B 36 0.06 9.92 18.27
N LEU B 37 -0.98 9.99 17.45
CA LEU B 37 -1.00 9.19 16.23
C LEU B 37 -0.09 9.91 15.23
N THR B 38 0.52 9.19 14.31
CA THR B 38 1.35 9.83 13.29
C THR B 38 0.34 10.31 12.25
N PRO B 39 0.76 11.21 11.34
CA PRO B 39 -0.19 11.69 10.33
C PRO B 39 -0.91 10.54 9.59
N GLU B 40 -0.19 9.47 9.26
CA GLU B 40 -0.82 8.35 8.55
C GLU B 40 -1.86 7.59 9.41
N GLN B 41 -1.51 7.32 10.66
CA GLN B 41 -2.46 6.64 11.55
C GLN B 41 -3.75 7.48 11.65
N ALA B 42 -3.59 8.80 11.86
CA ALA B 42 -4.76 9.67 11.95
C ALA B 42 -5.66 9.61 10.72
N ALA B 43 -5.10 9.77 9.53
CA ALA B 43 -5.94 9.68 8.33
C ALA B 43 -6.60 8.31 8.26
N MET B 44 -5.79 7.26 8.42
CA MET B 44 -6.35 5.89 8.40
C MET B 44 -7.47 5.82 9.41
N TYR B 45 -7.18 6.27 10.64
CA TYR B 45 -8.17 6.23 11.70
C TYR B 45 -9.46 6.97 11.31
N LYS B 46 -9.32 8.15 10.68
CA LYS B 46 -10.51 8.91 10.26
C LYS B 46 -11.23 8.24 9.10
N ALA B 47 -10.48 7.78 8.12
CA ALA B 47 -11.10 7.09 6.99
C ALA B 47 -12.04 6.00 7.53
N GLU B 48 -11.52 5.18 8.44
CA GLU B 48 -12.28 4.06 9.03
C GLU B 48 -13.49 4.49 9.81
N VAL B 49 -13.40 5.64 10.46
CA VAL B 49 -14.55 6.11 11.21
C VAL B 49 -15.66 6.52 10.21
N GLU B 50 -15.28 7.07 9.04
CA GLU B 50 -16.30 7.46 8.04
C GLU B 50 -17.03 6.19 7.62
N ASN B 51 -16.28 5.28 7.01
CA ASN B 51 -16.82 4.02 6.53
C ASN B 51 -17.87 3.43 7.45
N LEU B 52 -17.72 3.60 8.75
CA LEU B 52 -18.70 3.01 9.64
C LEU B 52 -20.00 3.81 9.77
N PHE B 53 -19.89 5.11 9.96
CA PHE B 53 -21.08 5.92 10.12
C PHE B 53 -21.85 6.14 8.84
N ASN B 54 -21.18 5.92 7.71
CA ASN B 54 -21.83 6.04 6.43
C ASN B 54 -22.77 4.83 6.31
N ASN B 55 -22.46 3.78 7.05
CA ASN B 55 -23.25 2.56 6.98
C ASN B 55 -23.87 2.04 8.28
N ILE B 56 -23.77 2.77 9.39
CA ILE B 56 -24.34 2.32 10.67
C ILE B 56 -25.88 2.20 10.73
N ASP B 57 -26.60 3.21 10.23
CA ASP B 57 -28.07 3.25 10.26
C ASP B 57 -28.77 2.30 9.28
N SER B 58 -28.06 1.86 8.25
CA SER B 58 -28.65 0.97 7.27
C SER B 58 -29.10 -0.35 7.91
N VAL B 59 -28.24 -0.89 8.75
CA VAL B 59 -28.53 -2.15 9.41
C VAL B 59 -28.90 -1.95 10.87
N THR B 60 -29.22 -3.04 11.57
CA THR B 60 -29.58 -3.00 12.98
C THR B 60 -29.20 -4.35 13.57
N GLY B 61 -29.34 -4.48 14.90
CA GLY B 61 -29.00 -5.73 15.55
C GLY B 61 -27.71 -6.36 15.02
N ILE B 62 -27.66 -7.68 15.12
CA ILE B 62 -26.52 -8.48 14.68
C ILE B 62 -25.72 -7.94 13.51
N LYS B 63 -26.36 -7.40 12.49
CA LYS B 63 -25.58 -6.87 11.37
C LYS B 63 -24.97 -5.50 11.67
N ARG B 64 -25.54 -4.82 12.65
CA ARG B 64 -25.02 -3.52 13.09
C ARG B 64 -23.90 -3.92 14.06
N LYS B 65 -24.29 -4.62 15.12
CA LYS B 65 -23.38 -5.13 16.15
C LYS B 65 -22.09 -5.59 15.48
N GLY B 66 -22.22 -6.46 14.49
CA GLY B 66 -21.07 -6.97 13.78
C GLY B 66 -20.37 -5.93 12.93
N MET B 67 -21.10 -4.88 12.58
CA MET B 67 -20.51 -3.82 11.79
C MET B 67 -19.57 -2.99 12.68
N ILE B 68 -20.05 -2.67 13.86
CA ILE B 68 -19.29 -1.91 14.82
C ILE B 68 -18.03 -2.68 15.23
N LEU B 69 -18.21 -3.91 15.71
CA LEU B 69 -17.10 -4.75 16.16
C LEU B 69 -15.94 -4.81 15.19
N SER B 70 -16.21 -4.88 13.89
CA SER B 70 -15.16 -4.93 12.89
C SER B 70 -14.40 -3.59 12.83
N THR B 71 -15.13 -2.49 12.92
CA THR B 71 -14.50 -1.18 12.88
C THR B 71 -13.68 -1.03 14.16
N LEU B 72 -14.24 -1.50 15.28
CA LEU B 72 -13.54 -1.44 16.56
C LEU B 72 -12.21 -2.15 16.39
N LEU B 73 -12.23 -3.32 15.75
CA LEU B 73 -11.01 -4.09 15.51
C LEU B 73 -9.99 -3.33 14.68
N LYS B 74 -10.42 -2.71 13.58
CA LYS B 74 -9.45 -1.99 12.74
C LYS B 74 -8.93 -0.72 13.42
N LEU B 75 -9.72 -0.10 14.27
CA LEU B 75 -9.23 1.12 14.93
C LEU B 75 -8.15 0.75 15.93
N LYS B 76 -8.33 -0.37 16.62
CA LYS B 76 -7.32 -0.80 17.60
C LYS B 76 -6.04 -1.18 16.91
N GLN B 77 -6.15 -1.69 15.68
CA GLN B 77 -4.94 -2.03 14.93
C GLN B 77 -4.23 -0.81 14.39
N ILE B 78 -5.00 0.14 13.87
CA ILE B 78 -4.46 1.38 13.33
C ILE B 78 -3.68 2.12 14.46
N VAL B 79 -4.26 2.22 15.67
CA VAL B 79 -3.53 2.94 16.74
C VAL B 79 -2.32 2.17 17.25
N ASP B 80 -2.15 0.92 16.80
CA ASP B 80 -0.96 0.16 17.20
C ASP B 80 0.15 0.36 16.15
N HIS B 81 -0.17 0.08 14.89
CA HIS B 81 0.80 0.20 13.78
C HIS B 81 0.07 0.04 12.45
N PRO B 82 0.24 0.99 11.52
CA PRO B 82 -0.45 0.87 10.24
C PRO B 82 -0.13 -0.38 9.43
N ALA B 83 1.06 -0.94 9.63
CA ALA B 83 1.45 -2.16 8.91
C ALA B 83 0.56 -3.36 9.23
N LEU B 84 -0.25 -3.30 10.30
CA LEU B 84 -1.15 -4.42 10.64
C LEU B 84 -2.28 -4.49 9.60
N LEU B 85 -2.60 -3.36 8.99
CA LEU B 85 -3.66 -3.33 7.97
C LEU B 85 -3.16 -3.16 6.54
N LYS B 86 -2.03 -2.47 6.38
CA LYS B 86 -1.45 -2.20 5.07
C LYS B 86 -0.13 -2.90 4.86
N GLY B 87 0.32 -3.72 5.79
CA GLY B 87 1.62 -4.30 5.58
C GLY B 87 2.54 -3.09 5.38
N GLY B 88 3.63 -3.29 4.65
CA GLY B 88 4.52 -2.17 4.43
C GLY B 88 5.68 -2.24 5.42
N GLU B 89 6.41 -1.15 5.48
CA GLU B 89 7.55 -0.99 6.35
C GLU B 89 7.09 -1.17 7.80
N GLN B 90 7.77 -2.04 8.56
CA GLN B 90 7.40 -2.27 9.97
C GLN B 90 8.42 -1.49 10.78
N SER B 91 8.40 -0.18 10.62
CA SER B 91 9.34 0.73 11.28
C SER B 91 8.79 1.43 12.52
N VAL B 92 9.70 1.98 13.32
CA VAL B 92 9.32 2.68 14.55
C VAL B 92 8.50 3.89 14.18
N ARG B 93 8.98 4.56 13.15
CA ARG B 93 8.42 5.78 12.60
C ARG B 93 6.96 5.80 12.19
N ARG B 94 6.37 4.67 11.84
CA ARG B 94 4.97 4.75 11.47
C ARG B 94 3.99 4.65 12.64
N SER B 95 4.53 4.51 13.84
CA SER B 95 3.66 4.32 15.00
C SER B 95 4.00 5.16 16.19
N GLY B 96 3.04 5.98 16.59
CA GLY B 96 3.26 6.83 17.75
C GLY B 96 3.65 5.98 18.94
N LYS B 97 2.99 4.83 19.14
CA LYS B 97 3.31 3.99 20.31
C LYS B 97 4.71 3.42 20.23
N MET B 98 5.10 2.96 19.04
CA MET B 98 6.45 2.42 18.89
C MET B 98 7.49 3.50 19.20
N ILE B 99 7.25 4.74 18.75
CA ILE B 99 8.18 5.84 19.02
C ILE B 99 8.38 5.97 20.54
N ARG B 100 7.27 6.04 21.28
CA ARG B 100 7.39 6.17 22.73
C ARG B 100 7.92 4.91 23.35
N THR B 101 7.63 3.76 22.74
CA THR B 101 8.13 2.53 23.30
C THR B 101 9.66 2.52 23.24
N MET B 102 10.27 2.98 22.15
CA MET B 102 11.74 2.98 22.10
C MET B 102 12.30 3.96 23.13
N GLU B 103 11.60 5.06 23.41
CA GLU B 103 12.06 6.01 24.42
C GLU B 103 12.05 5.37 25.80
N ILE B 104 10.98 4.64 26.10
CA ILE B 104 10.86 3.95 27.36
C ILE B 104 11.96 2.90 27.52
N ILE B 105 12.20 2.12 26.47
CA ILE B 105 13.19 1.07 26.53
C ILE B 105 14.59 1.63 26.87
N GLU B 106 14.96 2.72 26.22
CA GLU B 106 16.28 3.35 26.44
C GLU B 106 16.46 3.68 27.92
N GLU B 107 15.45 4.35 28.49
CA GLU B 107 15.49 4.70 29.91
C GLU B 107 15.52 3.42 30.77
N ALA B 108 14.68 2.45 30.42
CA ALA B 108 14.65 1.23 31.21
C ALA B 108 15.99 0.47 31.15
N LEU B 109 16.58 0.36 29.96
CA LEU B 109 17.84 -0.35 29.85
C LEU B 109 18.93 0.38 30.67
N ASP B 110 19.00 1.69 30.59
CA ASP B 110 20.00 2.44 31.37
C ASP B 110 19.99 1.97 32.83
N GLU B 111 18.80 1.73 33.38
CA GLU B 111 18.69 1.29 34.77
C GLU B 111 18.86 -0.21 34.96
N GLY B 112 19.17 -0.94 33.88
CA GLY B 112 19.32 -2.38 33.97
C GLY B 112 17.99 -3.15 34.07
N ASP B 113 16.91 -2.56 33.54
CA ASP B 113 15.59 -3.18 33.63
C ASP B 113 15.35 -4.34 32.68
N LYS B 114 14.65 -5.36 33.14
CA LYS B 114 14.18 -6.43 32.25
C LYS B 114 12.76 -5.92 31.92
N ILE B 115 12.41 -5.97 30.65
CA ILE B 115 11.16 -5.46 30.14
C ILE B 115 10.19 -6.49 29.52
N ALA B 116 8.94 -6.49 29.93
CA ALA B 116 7.91 -7.37 29.39
C ALA B 116 6.97 -6.44 28.62
N ILE B 117 6.66 -6.81 27.39
CA ILE B 117 5.75 -6.01 26.56
C ILE B 117 4.52 -6.83 26.16
N PHE B 118 3.32 -6.32 26.45
CA PHE B 118 2.07 -7.04 26.19
C PHE B 118 1.20 -6.46 25.08
N THR B 119 0.68 -7.32 24.20
CA THR B 119 -0.24 -6.85 23.16
C THR B 119 -1.34 -7.87 22.87
N GLN B 120 -2.51 -7.43 22.43
CA GLN B 120 -3.59 -8.40 22.17
C GLN B 120 -3.51 -8.99 20.74
N PHE B 121 -2.59 -8.47 19.92
CA PHE B 121 -2.47 -8.94 18.51
C PHE B 121 -1.17 -9.69 18.25
N VAL B 122 -1.27 -10.92 17.73
CA VAL B 122 -0.06 -11.69 17.46
C VAL B 122 0.78 -10.97 16.43
N ASP B 123 0.15 -10.38 15.42
CA ASP B 123 0.95 -9.67 14.42
C ASP B 123 1.68 -8.45 15.03
N MET B 124 1.07 -7.81 16.02
CA MET B 124 1.75 -6.65 16.62
C MET B 124 2.91 -7.20 17.45
N GLY B 125 2.65 -8.30 18.15
CA GLY B 125 3.69 -8.94 18.93
C GLY B 125 4.91 -9.22 18.03
N LYS B 126 4.69 -9.68 16.80
CA LYS B 126 5.81 -9.98 15.90
C LYS B 126 6.52 -8.70 15.46
N ILE B 127 5.76 -7.65 15.16
CA ILE B 127 6.41 -6.39 14.74
C ILE B 127 7.28 -5.85 15.88
N ILE B 128 6.72 -5.80 17.08
CA ILE B 128 7.46 -5.33 18.25
C ILE B 128 8.74 -6.13 18.42
N ARG B 129 8.62 -7.45 18.39
CA ARG B 129 9.78 -8.33 18.53
C ARG B 129 10.81 -8.02 17.40
N ASN B 130 10.35 -8.00 16.16
CA ASN B 130 11.25 -7.72 15.03
C ASN B 130 11.98 -6.41 15.17
N ILE B 131 11.23 -5.37 15.57
CA ILE B 131 11.81 -4.05 15.73
C ILE B 131 12.89 -3.99 16.80
N ILE B 132 12.64 -4.53 17.98
CA ILE B 132 13.64 -4.45 19.05
C ILE B 132 14.92 -5.22 18.71
N GLU B 133 14.76 -6.37 18.07
CA GLU B 133 15.92 -7.16 17.70
C GLU B 133 16.77 -6.43 16.67
N LYS B 134 16.13 -5.74 15.74
CA LYS B 134 16.85 -5.03 14.70
C LYS B 134 17.49 -3.73 15.18
N GLU B 135 16.81 -3.00 16.07
CA GLU B 135 17.32 -1.73 16.60
C GLU B 135 18.35 -1.90 17.71
N LEU B 136 18.23 -2.99 18.46
CA LEU B 136 19.10 -3.18 19.62
C LEU B 136 20.00 -4.42 19.59
N ASN B 137 19.76 -5.28 18.60
CA ASN B 137 20.52 -6.51 18.44
C ASN B 137 20.63 -7.17 19.80
N THR B 138 19.47 -7.56 20.33
CA THR B 138 19.41 -8.19 21.63
C THR B 138 18.30 -9.21 21.46
N GLU B 139 18.41 -10.33 22.17
CA GLU B 139 17.40 -11.40 22.03
C GLU B 139 16.06 -11.07 22.67
N VAL B 140 14.99 -11.24 21.88
CA VAL B 140 13.64 -10.96 22.35
C VAL B 140 12.66 -12.14 22.20
N PRO B 141 12.60 -13.01 23.21
CA PRO B 141 11.68 -14.15 23.14
C PRO B 141 10.23 -13.67 23.01
N PHE B 142 9.46 -14.41 22.22
CA PHE B 142 8.07 -14.07 21.90
C PHE B 142 7.11 -15.17 22.26
N LEU B 143 6.20 -14.84 23.14
CA LEU B 143 5.21 -15.77 23.63
C LEU B 143 3.84 -15.45 23.01
N TYR B 144 3.20 -16.46 22.42
CA TYR B 144 1.87 -16.28 21.84
C TYR B 144 1.04 -17.55 22.02
N GLY B 145 -0.28 -17.39 21.95
CA GLY B 145 -1.23 -18.48 22.19
C GLY B 145 -1.01 -19.88 21.62
N GLU B 146 -0.67 -19.94 20.34
CA GLU B 146 -0.47 -21.21 19.64
C GLU B 146 0.73 -22.02 20.10
N LEU B 147 1.61 -21.43 20.89
CA LEU B 147 2.77 -22.18 21.32
C LEU B 147 2.28 -23.26 22.22
N SER B 148 3.07 -24.33 22.32
CA SER B 148 2.76 -25.44 23.20
C SER B 148 3.17 -25.04 24.61
N LYS B 149 2.56 -25.69 25.61
CA LYS B 149 2.87 -25.41 27.01
C LYS B 149 4.35 -25.53 27.32
N LYS B 150 5.01 -26.56 26.79
CA LYS B 150 6.43 -26.73 27.05
C LYS B 150 7.21 -25.54 26.48
N GLU B 151 6.77 -25.05 25.33
CA GLU B 151 7.44 -23.93 24.69
C GLU B 151 7.25 -22.63 25.47
N ARG B 152 6.02 -22.39 25.91
CA ARG B 152 5.71 -21.20 26.68
C ARG B 152 6.60 -21.17 27.92
N ASP B 153 6.47 -22.20 28.77
CA ASP B 153 7.28 -22.32 29.96
C ASP B 153 8.76 -22.12 29.66
N ASP B 154 9.21 -22.61 28.51
CA ASP B 154 10.62 -22.47 28.11
C ASP B 154 11.03 -21.02 27.88
N ILE B 155 10.12 -20.25 27.29
CA ILE B 155 10.36 -18.85 27.00
C ILE B 155 10.27 -18.08 28.32
N ILE B 156 9.27 -18.42 29.15
CA ILE B 156 9.10 -17.76 30.43
C ILE B 156 10.33 -18.02 31.29
N SER B 157 10.77 -19.27 31.35
CA SER B 157 11.94 -19.62 32.12
C SER B 157 13.16 -18.83 31.66
N LYS B 158 13.34 -18.74 30.35
CA LYS B 158 14.46 -18.00 29.79
C LYS B 158 14.43 -16.54 30.27
N PHE B 159 13.28 -15.89 30.18
CA PHE B 159 13.21 -14.50 30.62
C PHE B 159 13.39 -14.37 32.11
N GLN B 160 12.76 -15.26 32.86
CA GLN B 160 12.83 -15.19 34.30
C GLN B 160 14.22 -15.48 34.85
N ASN B 161 14.94 -16.41 34.24
CA ASN B 161 16.24 -16.81 34.77
C ASN B 161 17.54 -16.41 34.08
N ASN B 162 17.52 -16.04 32.81
CA ASN B 162 18.77 -15.69 32.13
C ASN B 162 18.96 -14.17 32.18
N PRO B 163 20.06 -13.70 32.81
CA PRO B 163 20.31 -12.25 32.89
C PRO B 163 20.61 -11.55 31.59
N SER B 164 21.10 -12.29 30.59
CA SER B 164 21.37 -11.65 29.30
C SER B 164 20.06 -11.28 28.58
N VAL B 165 18.95 -11.88 29.02
CA VAL B 165 17.66 -11.62 28.39
C VAL B 165 16.97 -10.47 29.08
N LYS B 166 16.85 -9.37 28.36
CA LYS B 166 16.27 -8.14 28.86
C LYS B 166 14.86 -7.84 28.33
N PHE B 167 14.31 -8.73 27.51
CA PHE B 167 12.98 -8.49 26.93
C PHE B 167 12.17 -9.74 26.75
N ILE B 168 10.85 -9.54 26.74
CA ILE B 168 9.91 -10.59 26.42
C ILE B 168 8.67 -9.88 25.89
N VAL B 169 8.19 -10.34 24.74
CA VAL B 169 6.97 -9.78 24.13
C VAL B 169 5.89 -10.91 24.28
N LEU B 170 4.70 -10.54 24.72
CA LEU B 170 3.62 -11.50 24.91
C LEU B 170 2.40 -11.11 24.12
N SER B 171 1.95 -12.01 23.27
CA SER B 171 0.73 -11.80 22.53
C SER B 171 -0.33 -12.55 23.40
N VAL B 172 -1.33 -11.85 23.89
CA VAL B 172 -2.37 -12.45 24.71
C VAL B 172 -3.74 -12.13 24.08
N LYS B 173 -4.60 -13.13 24.03
CA LYS B 173 -5.94 -13.02 23.47
C LYS B 173 -6.68 -11.92 24.22
N ALA B 174 -7.35 -11.03 23.50
CA ALA B 174 -8.09 -9.94 24.13
C ALA B 174 -9.07 -10.48 25.14
N GLY B 175 -9.15 -9.85 26.30
CA GLY B 175 -10.04 -10.32 27.34
C GLY B 175 -9.40 -11.34 28.26
N GLY B 176 -8.13 -11.67 28.01
CA GLY B 176 -7.45 -12.65 28.86
C GLY B 176 -6.91 -12.11 30.20
N PHE B 177 -6.15 -12.95 30.92
CA PHE B 177 -5.57 -12.57 32.22
C PHE B 177 -4.02 -12.57 32.19
N GLY B 178 -3.42 -13.00 31.10
CA GLY B 178 -1.96 -12.97 31.01
C GLY B 178 -1.15 -13.74 32.05
N ILE B 179 0.16 -13.46 32.09
CA ILE B 179 1.07 -14.17 32.99
C ILE B 179 1.86 -13.29 33.94
N ASN B 180 2.10 -13.78 35.16
CA ASN B 180 2.87 -13.00 36.15
C ASN B 180 4.34 -13.28 35.93
N LEU B 181 5.11 -12.26 35.62
CA LEU B 181 6.54 -12.43 35.37
C LEU B 181 7.31 -11.66 36.45
N THR B 182 7.57 -12.30 37.58
CA THR B 182 8.26 -11.65 38.70
C THR B 182 9.62 -11.05 38.36
N SER B 183 10.24 -11.44 37.25
CA SER B 183 11.53 -10.84 36.92
C SER B 183 11.45 -9.53 36.15
N ALA B 184 10.26 -9.18 35.64
CA ALA B 184 10.14 -7.93 34.90
C ALA B 184 10.23 -6.76 35.88
N ASN B 185 10.99 -5.73 35.53
CA ASN B 185 11.13 -4.54 36.37
C ASN B 185 10.35 -3.46 35.66
N ARG B 186 10.05 -3.68 34.39
CA ARG B 186 9.35 -2.68 33.59
C ARG B 186 8.32 -3.44 32.75
N VAL B 187 7.12 -2.91 32.72
CA VAL B 187 6.09 -3.57 31.92
C VAL B 187 5.43 -2.56 31.05
N ILE B 188 5.32 -2.86 29.76
CA ILE B 188 4.64 -1.97 28.84
C ILE B 188 3.36 -2.63 28.27
N HIS B 189 2.19 -2.03 28.52
CA HIS B 189 0.95 -2.60 27.96
C HIS B 189 0.67 -1.80 26.70
N PHE B 190 1.02 -2.42 25.59
CA PHE B 190 0.96 -1.76 24.29
C PHE B 190 -0.45 -1.41 23.87
N ASP B 191 -1.43 -2.28 24.19
CA ASP B 191 -2.83 -1.99 23.93
C ASP B 191 -3.65 -2.72 25.01
N ARG B 192 -4.96 -2.50 25.04
CA ARG B 192 -5.78 -3.06 26.12
C ARG B 192 -6.15 -4.52 25.92
N TRP B 193 -5.22 -5.42 26.24
CA TRP B 193 -5.50 -6.82 26.01
C TRP B 193 -6.23 -7.46 27.21
N TRP B 194 -6.25 -6.78 28.35
CA TRP B 194 -6.75 -7.39 29.56
C TRP B 194 -8.22 -7.37 29.86
N ASN B 195 -8.64 -8.42 30.55
CA ASN B 195 -10.00 -8.58 30.99
C ASN B 195 -10.24 -7.48 32.02
N PRO B 196 -11.42 -6.85 31.99
CA PRO B 196 -11.74 -5.80 32.95
C PRO B 196 -11.54 -6.30 34.40
N ALA B 197 -11.53 -7.63 34.58
CA ALA B 197 -11.35 -8.25 35.89
C ALA B 197 -9.89 -8.20 36.40
N VAL B 198 -8.95 -7.89 35.50
CA VAL B 198 -7.54 -7.83 35.87
C VAL B 198 -7.26 -6.50 36.55
N GLU B 199 -6.70 -6.56 37.75
CA GLU B 199 -6.39 -5.36 38.54
C GLU B 199 -5.29 -5.71 39.54
N ASN B 214 8.05 -1.33 42.83
CA ASN B 214 9.38 -1.14 42.24
C ASN B 214 9.29 -1.49 40.75
N VAL B 215 8.26 -2.26 40.39
CA VAL B 215 8.05 -2.59 38.99
C VAL B 215 7.39 -1.34 38.41
N ILE B 216 7.90 -0.82 37.31
CA ILE B 216 7.28 0.32 36.69
C ILE B 216 6.41 -0.21 35.56
N VAL B 217 5.13 0.19 35.57
CA VAL B 217 4.17 -0.28 34.57
C VAL B 217 3.61 0.90 33.74
N HIS B 218 3.74 0.81 32.43
CA HIS B 218 3.21 1.86 31.55
C HIS B 218 2.05 1.32 30.70
N LYS B 219 0.98 2.10 30.54
CA LYS B 219 -0.12 1.69 29.67
C LYS B 219 -0.10 2.71 28.53
N LEU B 220 0.06 2.24 27.30
CA LEU B 220 0.09 3.14 26.17
C LEU B 220 -1.32 3.51 25.76
N ILE B 221 -1.60 4.81 25.69
CA ILE B 221 -2.92 5.30 25.32
C ILE B 221 -2.81 6.27 24.17
N SER B 222 -3.52 5.97 23.09
CA SER B 222 -3.48 6.87 21.93
C SER B 222 -4.35 8.10 22.13
N VAL B 223 -3.72 9.26 22.18
CA VAL B 223 -4.39 10.55 22.38
C VAL B 223 -5.62 10.78 21.50
N GLY B 224 -6.76 11.05 22.11
CA GLY B 224 -7.95 11.37 21.33
C GLY B 224 -8.67 10.28 20.54
N THR B 225 -8.35 9.02 20.82
CA THR B 225 -8.94 7.88 20.12
C THR B 225 -9.83 7.09 21.06
N LEU B 226 -10.44 6.04 20.52
CA LEU B 226 -11.27 5.20 21.33
C LEU B 226 -10.52 4.64 22.53
N GLU B 227 -9.20 4.47 22.39
CA GLU B 227 -8.38 3.93 23.51
C GLU B 227 -8.50 4.80 24.75
N GLU B 228 -8.40 6.09 24.57
CA GLU B 228 -8.53 7.00 25.69
C GLU B 228 -9.96 6.97 26.31
N LYS B 229 -10.97 7.02 25.45
CA LYS B 229 -12.39 6.99 25.87
C LYS B 229 -12.73 5.76 26.69
N ILE B 230 -12.42 4.58 26.14
CA ILE B 230 -12.70 3.30 26.79
C ILE B 230 -11.96 3.27 28.12
N ASP B 231 -10.73 3.80 28.14
CA ASP B 231 -9.95 3.79 29.36
C ASP B 231 -10.69 4.59 30.44
N GLN B 232 -11.30 5.71 30.02
CA GLN B 232 -12.08 6.54 30.97
C GLN B 232 -13.40 5.90 31.42
N LEU B 233 -14.21 5.46 30.46
CA LEU B 233 -15.48 4.82 30.79
C LEU B 233 -15.26 3.68 31.77
N LEU B 234 -14.34 2.77 31.44
CA LEU B 234 -14.09 1.62 32.32
C LEU B 234 -13.69 2.04 33.74
N ALA B 235 -12.95 3.13 33.85
CA ALA B 235 -12.54 3.58 35.18
C ALA B 235 -13.74 4.02 36.00
N PHE B 236 -14.73 4.58 35.34
CA PHE B 236 -15.90 5.05 36.06
C PHE B 236 -16.90 3.93 36.32
N LYS B 237 -16.59 2.73 35.82
CA LYS B 237 -17.47 1.58 35.97
C LYS B 237 -18.18 1.54 37.32
N ARG B 238 -17.46 1.29 38.40
CA ARG B 238 -18.10 1.25 39.69
C ARG B 238 -19.03 2.44 39.99
N SER B 239 -18.66 3.69 39.65
CA SER B 239 -19.52 4.85 39.95
C SER B 239 -20.55 5.26 38.88
N LEU B 240 -20.23 6.24 38.05
CA LEU B 240 -21.16 6.69 37.02
C LEU B 240 -21.84 5.54 36.33
N PHE B 241 -21.32 5.21 35.15
CA PHE B 241 -21.85 4.16 34.30
C PHE B 241 -22.10 2.78 34.93
N LYS B 242 -22.30 2.69 36.26
CA LYS B 242 -22.47 1.37 36.89
C LYS B 242 -23.22 0.37 36.05
N ASP B 243 -24.07 0.85 35.14
CA ASP B 243 -24.85 -0.01 34.23
C ASP B 243 -24.17 -0.64 33.00
N ILE B 244 -22.86 -0.41 32.80
CA ILE B 244 -22.09 -0.96 31.65
C ILE B 244 -21.85 -2.47 31.84
N ILE B 245 -22.93 -3.15 32.21
CA ILE B 245 -22.89 -4.58 32.44
C ILE B 245 -22.95 -5.37 31.14
N SER B 246 -21.84 -6.02 30.84
CA SER B 246 -21.70 -6.83 29.65
C SER B 246 -20.26 -7.30 29.61
N SER B 247 -19.99 -8.22 28.68
CA SER B 247 -18.65 -8.77 28.53
C SER B 247 -17.92 -8.14 27.36
N GLY B 248 -16.59 -8.25 27.39
CA GLY B 248 -15.78 -7.68 26.31
C GLY B 248 -16.19 -6.26 25.96
N ASP B 249 -16.40 -6.03 24.67
CA ASP B 249 -16.83 -4.72 24.17
C ASP B 249 -18.28 -4.87 23.72
N SER B 250 -19.04 -5.70 24.43
CA SER B 250 -20.44 -5.91 24.10
C SER B 250 -21.19 -4.60 24.28
N TRP B 251 -21.10 -4.07 25.50
CA TRP B 251 -21.74 -2.80 25.84
C TRP B 251 -21.60 -1.77 24.76
N ILE B 252 -20.41 -1.68 24.17
CA ILE B 252 -20.11 -0.71 23.12
C ILE B 252 -21.03 -0.81 21.92
N THR B 253 -21.38 -2.03 21.55
CA THR B 253 -22.24 -2.28 20.40
C THR B 253 -23.68 -1.89 20.69
N GLU B 254 -24.02 -1.82 21.99
CA GLU B 254 -25.35 -1.46 22.44
C GLU B 254 -25.59 0.05 22.56
N LEU B 255 -24.54 0.86 22.43
CA LEU B 255 -24.70 2.30 22.55
C LEU B 255 -25.51 2.90 21.41
N SER B 256 -26.09 4.07 21.67
CA SER B 256 -26.87 4.75 20.65
C SER B 256 -25.85 5.13 19.60
N THR B 257 -26.28 5.39 18.37
CA THR B 257 -25.33 5.76 17.34
C THR B 257 -24.47 6.94 17.79
N GLU B 258 -25.12 8.06 18.09
CA GLU B 258 -24.43 9.27 18.52
C GLU B 258 -23.53 8.99 19.73
N GLU B 259 -24.02 8.19 20.68
CA GLU B 259 -23.21 7.84 21.84
C GLU B 259 -21.93 7.22 21.28
N LEU B 260 -22.10 6.17 20.47
CA LEU B 260 -20.97 5.49 19.87
C LEU B 260 -20.04 6.47 19.18
N ARG B 261 -20.59 7.53 18.60
CA ARG B 261 -19.73 8.48 17.89
C ARG B 261 -18.78 9.22 18.82
N LYS B 262 -19.25 9.54 20.01
CA LYS B 262 -18.42 10.25 20.98
C LYS B 262 -17.25 9.35 21.39
N VAL B 263 -17.51 8.04 21.49
CA VAL B 263 -16.44 7.13 21.88
C VAL B 263 -15.34 6.95 20.85
N ILE B 264 -15.69 6.64 19.61
CA ILE B 264 -14.68 6.37 18.59
C ILE B 264 -14.18 7.45 17.63
N GLU B 265 -14.91 8.54 17.48
CA GLU B 265 -14.48 9.60 16.58
C GLU B 265 -13.19 10.22 17.09
N LEU B 266 -12.24 10.48 16.20
CA LEU B 266 -10.98 11.06 16.61
C LEU B 266 -11.32 12.44 17.14
N SER B 267 -10.71 12.85 18.25
CA SER B 267 -11.00 14.19 18.77
C SER B 267 -9.72 14.98 18.87
N VAL B 268 -9.05 15.13 17.74
CA VAL B 268 -7.79 15.87 17.66
C VAL B 268 -7.85 16.93 16.55
#